data_4IHR
#
_entry.id   4IHR
#
_cell.length_a   72.060
_cell.length_b   72.060
_cell.length_c   113.585
_cell.angle_alpha   90.00
_cell.angle_beta   90.00
_cell.angle_gamma   120.00
#
_symmetry.space_group_name_H-M   'P 63 2 2'
#
loop_
_entity.id
_entity.type
_entity.pdbx_description
1 polymer Kirola
2 non-polymer 'UNKNOWN LIGAND'
3 non-polymer 'CHLORIDE ION'
4 water water
#
_entity_poly.entity_id   1
_entity_poly.type   'polypeptide(L)'
_entity_poly.pdbx_seq_one_letter_code
;SNAMDLSGKMVKQVEILSDGIVFYEIFRYRLYLISEMSPVNIQGVDLLEGNWGTVGSVIFFKYTIDGKEKTAKDIVEAID
EETKSVTFKIVEGDLMELYKTFIIIVQVDTKGEHNSVTWTFHYEKLKEDVEEPNTLMNFCIEITKDIETYHLK
;
_entity_poly.pdbx_strand_id   A
#
loop_
_chem_comp.id
_chem_comp.type
_chem_comp.name
_chem_comp.formula
CL non-polymer 'CHLORIDE ION' 'Cl -1'
UNL non-polymer 'UNKNOWN LIGAND' ?
#
# COMPACT_ATOMS: atom_id res chain seq x y z
N ASP A 5 -19.52 -14.65 -7.67
CA ASP A 5 -18.13 -14.57 -7.12
C ASP A 5 -17.81 -13.13 -6.68
N LEU A 6 -17.88 -12.91 -5.35
CA LEU A 6 -17.65 -11.59 -4.78
C LEU A 6 -16.15 -11.34 -4.58
N SER A 7 -15.36 -12.38 -4.77
CA SER A 7 -13.94 -12.28 -4.58
C SER A 7 -13.28 -11.79 -5.82
N GLY A 8 -12.27 -10.97 -5.62
CA GLY A 8 -11.52 -10.35 -6.71
C GLY A 8 -10.05 -10.23 -6.42
N LYS A 9 -9.30 -10.02 -7.49
CA LYS A 9 -7.88 -9.76 -7.40
C LYS A 9 -7.48 -8.72 -8.45
N MET A 10 -6.48 -7.94 -8.10
CA MET A 10 -5.87 -7.03 -9.05
CA MET A 10 -5.86 -6.98 -9.01
C MET A 10 -4.38 -7.02 -8.84
N VAL A 11 -3.65 -6.93 -9.93
CA VAL A 11 -2.22 -6.91 -9.90
C VAL A 11 -1.71 -5.86 -10.87
N LYS A 12 -0.78 -5.04 -10.43
CA LYS A 12 -0.11 -4.01 -11.29
C LYS A 12 1.34 -3.95 -10.94
N GLN A 13 2.17 -4.13 -11.95
CA GLN A 13 3.62 -4.02 -11.75
C GLN A 13 4.06 -2.81 -12.47
N VAL A 14 4.87 -2.01 -11.81
CA VAL A 14 5.52 -0.93 -12.49
C VAL A 14 6.99 -0.82 -12.29
N GLU A 15 7.65 -0.37 -13.33
CA GLU A 15 9.04 -0.23 -13.36
C GLU A 15 9.35 1.05 -12.62
N ILE A 16 10.39 1.04 -11.81
CA ILE A 16 10.74 2.26 -11.13
C ILE A 16 12.11 2.76 -11.44
N LEU A 17 12.25 4.08 -11.28
CA LEU A 17 13.46 4.85 -11.56
C LEU A 17 14.39 4.84 -10.35
N SER A 18 13.83 4.65 -9.15
CA SER A 18 14.56 4.77 -7.93
C SER A 18 15.04 3.37 -7.44
N ASP A 19 15.77 3.36 -6.32
CA ASP A 19 16.32 2.14 -5.79
C ASP A 19 15.22 1.36 -5.10
N GLY A 20 15.05 0.11 -5.57
CA GLY A 20 14.12 -0.83 -4.94
C GLY A 20 14.45 -1.08 -3.48
N ILE A 21 15.72 -1.00 -3.09
CA ILE A 21 16.06 -1.27 -1.69
C ILE A 21 15.45 -0.18 -0.82
N VAL A 22 15.50 1.05 -1.30
CA VAL A 22 14.93 2.17 -0.58
C VAL A 22 13.41 2.09 -0.60
N PHE A 23 12.81 1.62 -1.70
CA PHE A 23 11.39 1.50 -1.72
C PHE A 23 10.92 0.52 -0.68
N TYR A 24 11.60 -0.62 -0.62
CA TYR A 24 11.20 -1.60 0.41
C TYR A 24 11.47 -1.08 1.83
N GLU A 25 12.57 -0.39 2.03
CA GLU A 25 12.87 0.26 3.32
C GLU A 25 11.65 1.05 3.76
N ILE A 26 11.10 1.84 2.84
CA ILE A 26 9.93 2.68 3.16
C ILE A 26 8.74 1.86 3.52
N PHE A 27 8.39 0.86 2.71
CA PHE A 27 7.22 0.06 2.96
C PHE A 27 7.30 -0.84 4.14
N ARG A 28 8.47 -1.33 4.46
CA ARG A 28 8.68 -2.15 5.62
C ARG A 28 8.91 -1.33 6.91
N TYR A 29 9.98 -0.53 6.94
CA TYR A 29 10.45 0.06 8.16
C TYR A 29 10.05 1.53 8.39
N ARG A 30 9.83 2.28 7.30
CA ARG A 30 9.68 3.72 7.42
C ARG A 30 8.47 4.25 6.67
N LEU A 31 7.31 3.61 6.91
CA LEU A 31 6.14 3.88 6.11
C LEU A 31 5.64 5.33 6.23
N TYR A 32 5.90 5.92 7.41
CA TYR A 32 5.61 7.30 7.64
C TYR A 32 6.21 8.27 6.63
N LEU A 33 7.30 7.88 5.96
CA LEU A 33 7.87 8.76 4.95
C LEU A 33 6.94 8.98 3.77
N ILE A 34 5.94 8.12 3.56
CA ILE A 34 5.04 8.35 2.44
CA ILE A 34 5.01 8.33 2.47
C ILE A 34 4.22 9.61 2.64
N SER A 35 3.97 10.03 3.87
CA SER A 35 3.28 11.30 4.11
CA SER A 35 3.24 11.27 4.06
C SER A 35 4.08 12.48 3.62
N GLU A 36 5.42 12.41 3.72
CA GLU A 36 6.29 13.39 3.19
C GLU A 36 6.39 13.41 1.65
N MET A 37 6.51 12.22 1.09
CA MET A 37 6.77 12.06 -0.32
C MET A 37 5.53 12.13 -1.19
N SER A 38 4.36 11.84 -0.62
CA SER A 38 3.08 11.88 -1.39
C SER A 38 1.98 12.60 -0.55
N PRO A 39 2.24 13.85 -0.17
CA PRO A 39 1.41 14.51 0.83
C PRO A 39 -0.01 14.85 0.39
N VAL A 40 -0.23 14.94 -0.92
CA VAL A 40 -1.62 15.07 -1.36
C VAL A 40 -2.46 13.83 -1.03
N ASN A 41 -1.83 12.66 -1.16
CA ASN A 41 -2.52 11.39 -1.08
C ASN A 41 -2.57 10.86 0.37
N ILE A 42 -1.45 11.02 1.10
CA ILE A 42 -1.28 10.43 2.47
C ILE A 42 -1.02 11.55 3.45
N GLN A 43 -1.90 11.69 4.43
CA GLN A 43 -1.78 12.71 5.45
C GLN A 43 -1.16 12.22 6.76
N GLY A 44 -1.20 10.93 7.00
CA GLY A 44 -0.65 10.39 8.21
C GLY A 44 -0.53 8.88 8.09
N VAL A 45 0.57 8.39 8.63
CA VAL A 45 0.78 6.96 8.85
C VAL A 45 1.25 6.82 10.31
N ASP A 46 0.41 6.23 11.15
CA ASP A 46 0.62 6.23 12.59
C ASP A 46 0.64 4.80 13.07
N LEU A 47 1.77 4.43 13.62
CA LEU A 47 1.90 3.13 14.25
C LEU A 47 1.08 3.11 15.53
N LEU A 48 0.25 2.08 15.66
CA LEU A 48 -0.61 1.92 16.84
C LEU A 48 -0.11 0.86 17.79
N GLU A 49 0.39 -0.24 17.23
CA GLU A 49 0.92 -1.35 18.03
C GLU A 49 2.10 -2.00 17.34
N GLY A 50 3.01 -2.53 18.16
CA GLY A 50 4.13 -3.24 17.64
C GLY A 50 5.25 -2.33 17.30
N ASN A 51 6.02 -2.71 16.32
CA ASN A 51 7.18 -1.96 15.88
C ASN A 51 7.19 -1.90 14.38
N TRP A 52 7.60 -0.78 13.81
CA TRP A 52 7.67 -0.63 12.39
C TRP A 52 8.48 -1.84 11.85
N GLY A 53 8.00 -2.36 10.81
CA GLY A 53 8.73 -3.34 10.03
C GLY A 53 8.61 -4.76 10.55
N THR A 54 7.64 -4.97 11.45
CA THR A 54 7.39 -6.33 12.02
C THR A 54 6.04 -6.87 11.69
N VAL A 55 5.94 -8.19 11.49
CA VAL A 55 4.68 -8.86 11.34
C VAL A 55 3.85 -8.64 12.58
N GLY A 56 2.60 -8.29 12.41
CA GLY A 56 1.68 -8.01 13.49
C GLY A 56 1.60 -6.62 13.93
N SER A 57 2.45 -5.76 13.39
CA SER A 57 2.36 -4.33 13.68
C SER A 57 1.02 -3.82 13.12
N VAL A 58 0.46 -2.80 13.78
CA VAL A 58 -0.85 -2.24 13.44
C VAL A 58 -0.67 -0.77 13.13
N ILE A 59 -1.09 -0.38 11.93
CA ILE A 59 -0.82 0.94 11.41
C ILE A 59 -2.12 1.60 11.00
N PHE A 60 -2.23 2.90 11.30
CA PHE A 60 -3.40 3.69 10.97
C PHE A 60 -2.99 4.68 9.87
N PHE A 61 -3.84 4.73 8.80
CA PHE A 61 -3.60 5.58 7.66
C PHE A 61 -4.67 6.62 7.57
N LYS A 62 -4.24 7.89 7.43
CA LYS A 62 -5.14 8.98 7.05
C LYS A 62 -4.79 9.35 5.61
N TYR A 63 -5.76 9.24 4.71
CA TYR A 63 -5.47 9.41 3.31
C TYR A 63 -6.65 10.08 2.61
N THR A 64 -6.42 10.49 1.34
CA THR A 64 -7.41 11.22 0.60
C THR A 64 -7.50 10.57 -0.78
N ILE A 65 -8.71 10.29 -1.21
CA ILE A 65 -8.99 9.68 -2.52
C ILE A 65 -10.08 10.54 -3.15
N ASP A 66 -9.83 10.98 -4.38
CA ASP A 66 -10.77 11.89 -5.08
C ASP A 66 -11.26 13.05 -4.18
N GLY A 67 -10.33 13.64 -3.45
CA GLY A 67 -10.55 14.80 -2.60
C GLY A 67 -11.27 14.50 -1.31
N LYS A 68 -11.57 13.22 -1.06
CA LYS A 68 -12.28 12.86 0.18
C LYS A 68 -11.38 12.12 1.15
N GLU A 69 -11.43 12.59 2.39
CA GLU A 69 -10.60 12.04 3.46
C GLU A 69 -11.11 10.68 3.91
N LYS A 70 -10.19 9.73 4.01
CA LYS A 70 -10.55 8.38 4.43
C LYS A 70 -9.56 7.93 5.48
N THR A 71 -9.93 6.87 6.21
CA THR A 71 -8.99 6.21 7.14
C THR A 71 -9.02 4.70 7.00
N ALA A 72 -7.91 4.07 7.37
CA ALA A 72 -7.84 2.60 7.45
C ALA A 72 -6.96 2.23 8.59
N LYS A 73 -7.27 1.13 9.23
CA LYS A 73 -6.34 0.54 10.15
C LYS A 73 -5.96 -0.81 9.56
N ASP A 74 -4.65 -1.06 9.48
CA ASP A 74 -4.14 -2.28 8.89
C ASP A 74 -3.24 -3.03 9.86
N ILE A 75 -3.18 -4.34 9.65
CA ILE A 75 -2.19 -5.18 10.32
CA ILE A 75 -2.20 -5.20 10.32
C ILE A 75 -1.23 -5.70 9.27
N VAL A 76 0.06 -5.69 9.60
CA VAL A 76 1.06 -6.31 8.75
C VAL A 76 0.96 -7.82 8.93
N GLU A 77 0.34 -8.50 7.96
CA GLU A 77 0.10 -9.97 8.03
C GLU A 77 1.33 -10.76 7.69
N ALA A 78 2.20 -10.25 6.89
CA ALA A 78 3.32 -11.05 6.36
C ALA A 78 4.44 -10.14 5.91
N ILE A 79 5.65 -10.67 6.08
CA ILE A 79 6.86 -10.05 5.56
C ILE A 79 7.73 -11.07 4.97
N ASP A 80 8.31 -10.86 3.81
CA ASP A 80 9.30 -11.74 3.24
C ASP A 80 10.47 -10.88 2.86
N GLU A 81 11.54 -10.91 3.64
CA GLU A 81 12.67 -10.02 3.36
C GLU A 81 13.44 -10.42 2.16
N GLU A 82 13.39 -11.66 1.76
CA GLU A 82 14.15 -12.11 0.66
C GLU A 82 13.54 -11.67 -0.67
N THR A 83 12.22 -11.63 -0.77
CA THR A 83 11.52 -11.19 -1.94
C THR A 83 11.07 -9.75 -1.82
N LYS A 84 11.46 -9.06 -0.76
CA LYS A 84 11.08 -7.70 -0.52
C LYS A 84 9.58 -7.50 -0.60
N SER A 85 8.83 -8.31 0.16
CA SER A 85 7.40 -8.25 0.16
C SER A 85 6.87 -7.92 1.50
N VAL A 86 5.77 -7.20 1.55
CA VAL A 86 5.00 -6.91 2.81
C VAL A 86 3.53 -6.98 2.47
N THR A 87 2.75 -7.60 3.33
CA THR A 87 1.32 -7.78 3.17
C THR A 87 0.56 -7.07 4.25
N PHE A 88 -0.31 -6.17 3.80
CA PHE A 88 -1.21 -5.42 4.70
C PHE A 88 -2.61 -5.91 4.64
N LYS A 89 -3.23 -6.19 5.79
CA LYS A 89 -4.65 -6.56 5.87
C LYS A 89 -5.39 -5.41 6.45
N ILE A 90 -6.41 -4.93 5.73
CA ILE A 90 -7.30 -3.88 6.22
CA ILE A 90 -7.22 -3.83 6.24
C ILE A 90 -8.18 -4.43 7.26
N VAL A 91 -8.18 -3.86 8.46
CA VAL A 91 -9.03 -4.43 9.55
C VAL A 91 -10.19 -3.50 9.89
N GLU A 92 -10.00 -2.19 9.70
CA GLU A 92 -11.08 -1.21 9.84
C GLU A 92 -10.90 -0.11 8.80
N GLY A 93 -11.98 0.58 8.48
CA GLY A 93 -11.87 1.76 7.65
C GLY A 93 -12.96 1.90 6.63
N ASP A 94 -12.88 3.00 5.90
CA ASP A 94 -13.84 3.27 4.85
C ASP A 94 -14.00 2.12 3.88
N LEU A 95 -12.91 1.45 3.52
CA LEU A 95 -12.99 0.33 2.56
C LEU A 95 -13.91 -0.83 2.98
N MET A 96 -14.07 -0.97 4.28
CA MET A 96 -14.91 -2.03 4.85
C MET A 96 -16.39 -1.75 4.65
N GLU A 97 -16.75 -0.58 4.15
CA GLU A 97 -18.13 -0.31 3.77
C GLU A 97 -18.44 -0.93 2.39
N LEU A 98 -17.40 -1.28 1.65
CA LEU A 98 -17.55 -1.89 0.35
C LEU A 98 -17.08 -3.36 0.26
N TYR A 99 -16.04 -3.67 1.04
CA TYR A 99 -15.30 -4.93 0.97
C TYR A 99 -15.36 -5.59 2.33
N LYS A 100 -15.71 -6.88 2.34
CA LYS A 100 -15.64 -7.69 3.53
C LYS A 100 -14.19 -7.92 4.00
N THR A 101 -13.33 -8.14 3.02
CA THR A 101 -11.93 -8.33 3.28
C THR A 101 -11.10 -7.62 2.24
N PHE A 102 -9.91 -7.18 2.61
CA PHE A 102 -9.05 -6.49 1.65
C PHE A 102 -7.62 -6.60 2.10
N ILE A 103 -6.79 -7.17 1.24
CA ILE A 103 -5.38 -7.36 1.50
C ILE A 103 -4.59 -6.70 0.37
N ILE A 104 -3.50 -6.03 0.73
CA ILE A 104 -2.62 -5.36 -0.24
C ILE A 104 -1.25 -5.90 -0.02
N ILE A 105 -0.67 -6.39 -1.11
CA ILE A 105 0.71 -6.87 -1.09
C ILE A 105 1.59 -5.94 -1.89
N VAL A 106 2.70 -5.51 -1.34
CA VAL A 106 3.68 -4.71 -2.07
C VAL A 106 4.94 -5.55 -2.17
N GLN A 107 5.47 -5.79 -3.38
CA GLN A 107 6.65 -6.59 -3.54
C GLN A 107 7.60 -5.91 -4.48
N VAL A 108 8.86 -5.84 -4.13
CA VAL A 108 9.84 -5.05 -4.87
C VAL A 108 10.86 -5.99 -5.47
N ASP A 109 11.08 -5.86 -6.78
CA ASP A 109 12.12 -6.65 -7.41
C ASP A 109 13.35 -5.82 -7.58
N THR A 110 14.47 -6.21 -6.95
CA THR A 110 15.73 -5.43 -7.00
C THR A 110 16.85 -6.13 -7.76
N LYS A 111 16.51 -7.19 -8.48
CA LYS A 111 17.28 -7.66 -9.61
C LYS A 111 16.51 -7.24 -10.87
N GLY A 112 17.18 -7.25 -12.03
CA GLY A 112 18.65 -7.33 -12.12
C GLY A 112 19.15 -5.90 -12.15
N GLU A 113 19.13 -5.33 -13.36
CA GLU A 113 19.43 -3.91 -13.58
C GLU A 113 18.18 -3.01 -13.51
N HIS A 114 17.00 -3.61 -13.62
CA HIS A 114 15.75 -2.88 -13.54
C HIS A 114 15.09 -3.25 -12.22
N ASN A 115 14.48 -2.26 -11.59
CA ASN A 115 13.75 -2.48 -10.35
C ASN A 115 12.29 -2.25 -10.65
N SER A 116 11.44 -2.96 -9.95
CA SER A 116 10.04 -2.79 -10.14
C SER A 116 9.26 -3.05 -8.84
N VAL A 117 8.05 -2.51 -8.80
CA VAL A 117 7.13 -2.63 -7.67
C VAL A 117 5.86 -3.26 -8.13
N THR A 118 5.44 -4.35 -7.49
CA THR A 118 4.21 -4.97 -7.85
C THR A 118 3.21 -4.82 -6.72
N TRP A 119 2.04 -4.29 -7.05
CA TRP A 119 0.95 -4.14 -6.09
C TRP A 119 -0.07 -5.20 -6.39
N THR A 120 -0.44 -6.01 -5.38
CA THR A 120 -1.48 -6.97 -5.54
C THR A 120 -2.55 -6.75 -4.53
N PHE A 121 -3.79 -6.73 -5.00
CA PHE A 121 -4.94 -6.66 -4.12
C PHE A 121 -5.67 -7.99 -4.11
N HIS A 122 -6.04 -8.51 -2.95
CA HIS A 122 -7.03 -9.59 -2.89
C HIS A 122 -8.21 -9.08 -2.06
N TYR A 123 -9.43 -9.18 -2.56
CA TYR A 123 -10.55 -8.60 -1.85
C TYR A 123 -11.81 -9.44 -2.01
N GLU A 124 -12.75 -9.22 -1.10
CA GLU A 124 -14.11 -9.77 -1.24
C GLU A 124 -15.11 -8.67 -1.09
N LYS A 125 -15.93 -8.41 -2.11
CA LYS A 125 -16.95 -7.37 -2.08
C LYS A 125 -18.08 -7.78 -1.17
N LEU A 126 -18.69 -6.81 -0.52
CA LEU A 126 -19.92 -7.11 0.24
C LEU A 126 -21.08 -7.51 -0.66
N LYS A 127 -21.18 -6.88 -1.83
CA LYS A 127 -22.30 -7.07 -2.76
C LYS A 127 -21.78 -7.13 -4.19
N GLU A 128 -22.51 -7.84 -5.07
CA GLU A 128 -22.16 -8.02 -6.50
C GLU A 128 -22.01 -6.68 -7.19
N ASP A 129 -22.73 -5.66 -6.70
CA ASP A 129 -22.78 -4.35 -7.33
C ASP A 129 -21.55 -3.48 -7.03
N VAL A 130 -20.81 -3.80 -5.96
CA VAL A 130 -19.66 -2.98 -5.57
C VAL A 130 -18.62 -2.92 -6.72
N GLU A 131 -18.03 -1.73 -6.91
CA GLU A 131 -17.04 -1.51 -7.98
C GLU A 131 -15.77 -2.28 -7.66
N GLU A 132 -15.03 -2.65 -8.70
CA GLU A 132 -13.66 -3.11 -8.54
C GLU A 132 -12.83 -1.91 -8.07
N PRO A 133 -11.76 -2.18 -7.30
CA PRO A 133 -10.98 -1.09 -6.69
C PRO A 133 -9.96 -0.45 -7.60
N ASN A 134 -10.40 0.00 -8.76
CA ASN A 134 -9.47 0.64 -9.67
C ASN A 134 -8.93 1.95 -9.17
N THR A 135 -9.77 2.73 -8.51
CA THR A 135 -9.36 3.99 -7.99
C THR A 135 -8.29 3.81 -6.96
N LEU A 136 -8.42 2.77 -6.09
CA LEU A 136 -7.37 2.52 -5.13
C LEU A 136 -6.05 2.08 -5.78
N MET A 137 -6.15 1.26 -6.81
CA MET A 137 -4.94 0.85 -7.50
C MET A 137 -4.29 2.08 -8.15
N ASN A 138 -5.07 2.96 -8.73
CA ASN A 138 -4.46 4.20 -9.31
C ASN A 138 -3.75 5.01 -8.26
N PHE A 139 -4.35 5.07 -7.07
CA PHE A 139 -3.78 5.75 -5.92
C PHE A 139 -2.41 5.20 -5.53
N CYS A 140 -2.34 3.87 -5.40
CA CYS A 140 -1.12 3.18 -5.03
C CYS A 140 -0.03 3.41 -6.06
N ILE A 141 -0.44 3.43 -7.34
CA ILE A 141 0.51 3.68 -8.42
CA ILE A 141 0.52 3.68 -8.39
C ILE A 141 1.01 5.12 -8.32
N GLU A 142 0.10 6.06 -8.04
CA GLU A 142 0.50 7.46 -7.91
C GLU A 142 1.48 7.67 -6.76
N ILE A 143 1.23 7.01 -5.63
CA ILE A 143 2.13 7.06 -4.49
C ILE A 143 3.51 6.56 -4.92
N THR A 144 3.54 5.45 -5.66
CA THR A 144 4.77 4.90 -6.16
C THR A 144 5.55 5.91 -7.00
N LYS A 145 4.86 6.55 -7.94
CA LYS A 145 5.49 7.53 -8.76
C LYS A 145 5.98 8.73 -7.95
N ASP A 146 5.23 9.08 -6.93
CA ASP A 146 5.64 10.20 -6.08
C ASP A 146 6.89 9.82 -5.31
N ILE A 147 7.00 8.59 -4.83
CA ILE A 147 8.22 8.15 -4.15
C ILE A 147 9.36 8.14 -5.12
N GLU A 148 9.21 7.54 -6.30
CA GLU A 148 10.36 7.43 -7.20
C GLU A 148 10.89 8.74 -7.71
N THR A 149 10.09 9.81 -7.69
CA THR A 149 10.48 11.12 -8.20
C THR A 149 10.70 12.14 -7.11
N TYR A 150 10.70 11.68 -5.85
CA TYR A 150 10.83 12.63 -4.73
C TYR A 150 12.22 13.27 -4.68
N HIS A 151 12.21 14.60 -4.70
CA HIS A 151 13.45 15.42 -4.57
C HIS A 151 14.55 14.96 -5.57
N LEU A 152 14.14 14.81 -6.83
CA LEU A 152 15.06 14.43 -7.88
C LEU A 152 16.11 15.50 -8.12
N LYS A 153 17.29 15.01 -8.53
CA LYS A 153 18.33 15.81 -9.18
C LYS A 153 17.76 16.42 -10.46
O UNL B . -3.91 2.60 2.30
O UNL C . -4.45 0.55 3.49
O UNL D . -0.94 1.70 1.40
O UNL E . -5.82 1.99 2.13
O UNL F . -0.11 0.09 1.79
O UNL G . -2.91 3.77 1.75
CL CL H . 2.91 10.60 9.18
CL CL I . 8.63 -9.87 11.87
#